data_3U29
#
_entry.id   3U29
#
_cell.length_a   14.220
_cell.length_b   23.247
_cell.length_c   67.536
_cell.angle_alpha   94.270
_cell.angle_beta   94.740
_cell.angle_gamma   93.360
#
_symmetry.space_group_name_H-M   'P 1'
#
loop_
_entity.id
_entity.type
_entity.pdbx_description
1 polymer 'collagen mimetic peptide'
2 water water
#
_entity_poly.entity_id   1
_entity_poly.type   'polypeptide(L)'
_entity_poly.pdbx_seq_one_letter_code
;(ACE)P(HYP)GP(HYP)GP(HYP)GPKGD(HYP)GP(HYP)GP(HYP)GP(HYP)G(NH2)
;
_entity_poly.pdbx_strand_id   A,B,C,D,E,F
#
loop_
_chem_comp.id
_chem_comp.type
_chem_comp.name
_chem_comp.formula
ACE non-polymer 'ACETYL GROUP' 'C2 H4 O'
NH2 non-polymer 'AMINO GROUP' 'H2 N'
#
# COMPACT_ATOMS: atom_id res chain seq x y z
C ACE A 1 28.65 -5.34 -25.76
O ACE A 1 27.91 -4.46 -26.20
CH3 ACE A 1 30.14 -5.21 -25.79
H1 ACE A 1 30.54 -5.07 -24.91
H2 ACE A 1 30.59 -5.98 -26.15
H3 ACE A 1 30.45 -4.46 -26.33
N PRO A 2 28.14 -6.47 -25.23
CA PRO A 2 26.69 -6.67 -25.15
C PRO A 2 26.00 -5.88 -24.06
N HYP A 3 24.70 -5.60 -24.25
CA HYP A 3 23.92 -4.90 -23.22
C HYP A 3 23.94 -5.72 -21.94
O HYP A 3 23.93 -6.93 -21.96
CB HYP A 3 22.51 -4.65 -23.76
CG HYP A 3 22.71 -4.72 -25.28
CD HYP A 3 23.79 -5.77 -25.43
OD1 HYP A 3 23.16 -3.45 -25.75
HA HYP A 3 24.32 -4.04 -22.97
HB2 HYP A 3 22.13 -3.81 -23.50
HB3 HYP A 3 21.86 -5.32 -23.47
HG HYP A 3 21.89 -4.97 -25.73
HD22 HYP A 3 23.39 -6.66 -25.49
HD23 HYP A 3 24.24 -5.66 -26.28
HD1 HYP A 3 23.87 -3.61 -26.25
N GLY A 4 23.96 -5.02 -20.81
CA GLY A 4 24.00 -5.68 -19.51
C GLY A 4 22.71 -6.41 -19.18
N PRO A 5 22.68 -7.10 -18.03
CA PRO A 5 21.50 -7.85 -17.59
C PRO A 5 20.28 -6.95 -17.37
N HYP A 6 19.08 -7.50 -17.54
CA HYP A 6 17.86 -6.73 -17.24
C HYP A 6 17.91 -6.31 -15.79
O HYP A 6 18.52 -6.94 -14.96
CB HYP A 6 16.65 -7.62 -17.58
CG HYP A 6 17.24 -8.70 -18.47
CD HYP A 6 18.63 -8.88 -17.92
OD1 HYP A 6 17.28 -8.23 -19.82
HA HYP A 6 17.79 -5.91 -17.75
HB2 HYP A 6 15.93 -7.15 -18.03
HB3 HYP A 6 16.22 -8.00 -16.80
HG HYP A 6 16.72 -9.52 -18.43
HD22 HYP A 6 18.62 -9.50 -17.17
HD23 HYP A 6 19.20 -9.31 -18.58
HD1 HYP A 6 18.12 -8.01 -19.98
N GLY A 7 17.24 -5.21 -15.50
CA GLY A 7 17.19 -4.69 -14.13
C GLY A 7 16.32 -5.55 -13.24
N PRO A 8 16.29 -5.24 -11.93
CA PRO A 8 15.46 -5.99 -11.00
C PRO A 8 13.97 -5.79 -11.23
N HYP A 9 13.14 -6.60 -10.60
CA HYP A 9 11.68 -6.37 -10.61
C HYP A 9 11.44 -4.99 -10.04
O HYP A 9 12.18 -4.50 -9.21
CB HYP A 9 11.03 -7.50 -9.81
CG HYP A 9 12.01 -8.65 -9.95
CD HYP A 9 13.36 -7.95 -9.99
OD1 HYP A 9 11.77 -9.35 -11.18
HA HYP A 9 11.30 -6.36 -11.49
HB2 HYP A 9 10.15 -7.75 -10.13
HB3 HYP A 9 10.87 -7.29 -8.87
HG HYP A 9 11.94 -9.26 -9.21
HD22 HYP A 9 13.73 -7.92 -9.09
HD23 HYP A 9 13.99 -8.50 -10.49
HD1 HYP A 9 10.91 -9.58 -11.17
N GLY A 10 10.37 -4.35 -10.49
CA GLY A 10 10.00 -3.04 -10.00
C GLY A 10 9.41 -3.09 -8.60
N PRO A 11 9.11 -1.93 -8.02
CA PRO A 11 8.51 -1.91 -6.69
C PRO A 11 7.18 -2.67 -6.66
N LYS A 12 6.82 -3.12 -5.47
CA LYS A 12 5.52 -3.74 -5.27
C LYS A 12 4.41 -2.74 -5.54
N GLY A 13 3.32 -3.21 -6.13
CA GLY A 13 2.22 -2.33 -6.44
C GLY A 13 1.58 -1.75 -5.20
N ASP A 14 0.86 -0.64 -5.39
CA ASP A 14 0.21 0.05 -4.29
C ASP A 14 -0.98 -0.76 -3.77
N HYP A 15 -1.41 -0.47 -2.55
CA HYP A 15 -2.61 -1.10 -2.00
C HYP A 15 -3.80 -0.69 -2.83
O HYP A 15 -3.86 0.41 -3.36
CB HYP A 15 -2.74 -0.69 -0.52
CG HYP A 15 -1.37 -0.11 -0.19
CD HYP A 15 -0.93 0.50 -1.51
OD1 HYP A 15 -0.48 -1.16 0.20
HA HYP A 15 -2.58 -2.07 -2.05
HB2 HYP A 15 -2.95 -1.43 0.08
HB3 HYP A 15 -3.44 -0.04 -0.35
HG HYP A 15 -1.42 0.54 0.52
HD22 HYP A 15 -1.31 1.39 -1.61
HD23 HYP A 15 0.03 0.64 -1.51
HD1 HYP A 15 0.34 -0.85 0.10
N GLY A 16 -4.77 -1.59 -2.95
CA GLY A 16 -5.99 -1.30 -3.69
C GLY A 16 -6.87 -0.32 -2.95
N PRO A 17 -8.04 0.01 -3.53
CA PRO A 17 -8.99 0.94 -2.92
C PRO A 17 -9.77 0.32 -1.77
N HYP A 18 -10.50 1.13 -1.02
CA HYP A 18 -11.36 0.62 0.06
C HYP A 18 -12.41 -0.31 -0.50
O HYP A 18 -12.93 -0.11 -1.59
CB HYP A 18 -11.96 1.83 0.79
CG HYP A 18 -10.99 2.96 0.46
CD HYP A 18 -10.55 2.63 -0.95
OD1 HYP A 18 -9.88 2.92 1.37
HA HYP A 18 -10.85 0.08 0.69
HB2 HYP A 18 -12.04 1.71 1.75
HB3 HYP A 18 -12.86 2.05 0.50
HG HYP A 18 -11.43 3.82 0.51
HD22 HYP A 18 -11.16 3.03 -1.59
HD23 HYP A 18 -9.69 3.06 -1.13
HD1 HYP A 18 -10.21 3.04 2.17
N GLY A 19 -12.72 -1.35 0.25
CA GLY A 19 -13.75 -2.30 -0.14
C GLY A 19 -15.13 -1.67 -0.10
N PRO A 20 -16.16 -2.45 -0.49
CA PRO A 20 -17.54 -1.96 -0.51
C PRO A 20 -18.19 -1.98 0.87
N HYP A 21 -19.37 -1.38 1.00
CA HYP A 21 -20.08 -1.34 2.28
C HYP A 21 -20.45 -2.75 2.71
O HYP A 21 -20.73 -3.62 1.90
CB HYP A 21 -21.30 -0.44 2.11
CG HYP A 21 -20.86 0.55 1.04
CD HYP A 21 -19.99 -0.31 0.12
OD1 HYP A 21 -20.07 1.58 1.63
HA HYP A 21 -19.52 -1.02 3.01
HB2 HYP A 21 -21.56 0.03 2.92
HB3 HYP A 21 -22.11 -0.90 1.84
HG HYP A 21 -21.61 0.94 0.57
HD22 HYP A 21 -20.54 -0.67 -0.59
HD23 HYP A 21 -19.34 0.25 -0.33
HD1 HYP A 21 -19.57 1.93 0.99
N GLY A 22 -20.46 -2.97 4.02
CA GLY A 22 -20.91 -4.22 4.58
C GLY A 22 -22.41 -4.36 4.45
N PRO A 23 -22.95 -5.51 4.88
CA PRO A 23 -24.40 -5.75 4.75
C PRO A 23 -25.23 -4.88 5.69
N HYP A 24 -26.51 -4.71 5.38
CA HYP A 24 -27.40 -3.91 6.24
C HYP A 24 -27.40 -4.48 7.65
O HYP A 24 -27.35 -5.68 7.85
CB HYP A 24 -28.80 -3.91 5.59
CG HYP A 24 -28.50 -4.26 4.14
CD HYP A 24 -27.34 -5.24 4.26
OD1 HYP A 24 -28.08 -3.09 3.42
HA HYP A 24 -27.10 -3.00 6.35
HB2 HYP A 24 -29.26 -3.06 5.65
HB3 HYP A 24 -29.41 -4.55 5.98
HG HYP A 24 -29.26 -4.65 3.70
HD22 HYP A 24 -27.68 -6.14 4.42
HD23 HYP A 24 -26.87 -5.30 3.41
HD1 HYP A 24 -28.49 -2.42 3.80
N GLY A 25 -27.45 -3.59 8.62
CA GLY A 25 -27.44 -3.97 10.03
C GLY A 25 -28.66 -4.87 10.31
N NH2 A 26 -28.67 -5.50 11.46
HN1 NH2 A 26 -27.98 -5.41 12.05
HN2 NH2 A 26 -29.34 -6.05 11.69
C ACE B 1 27.82 -1.93 -22.00
O ACE B 1 27.80 -1.38 -20.90
CH3 ACE B 1 28.91 -2.90 -22.38
H1 ACE B 1 28.58 -3.79 -22.57
H2 ACE B 1 29.40 -2.63 -23.16
H3 ACE B 1 29.57 -3.01 -21.68
N PRO B 2 26.85 -1.70 -22.91
CA PRO B 2 25.74 -0.78 -22.61
C PRO B 2 24.89 -1.22 -21.43
N HYP B 3 24.13 -0.29 -20.86
CA HYP B 3 23.23 -0.63 -19.75
C HYP B 3 22.18 -1.63 -20.25
O HYP B 3 21.73 -1.57 -21.37
CB HYP B 3 22.60 0.66 -19.23
CG HYP B 3 23.58 1.73 -19.68
CD HYP B 3 24.10 1.20 -21.01
OD1 HYP B 3 24.66 1.83 -18.73
HA HYP B 3 23.67 -1.09 -19.02
HB2 HYP B 3 22.47 0.68 -18.27
HB3 HYP B 3 21.71 0.84 -19.58
HG HYP B 3 23.16 2.59 -19.78
HD22 HYP B 3 23.50 1.49 -21.72
HD23 HYP B 3 24.95 1.59 -21.22
HD1 HYP B 3 24.96 2.66 -18.78
N GLY B 4 21.80 -2.55 -19.36
CA GLY B 4 20.74 -3.50 -19.66
C GLY B 4 19.40 -2.80 -19.67
N PRO B 5 18.35 -3.50 -20.12
CA PRO B 5 17.00 -2.92 -20.17
C PRO B 5 16.31 -2.96 -18.82
N HYP B 6 15.19 -2.25 -18.69
CA HYP B 6 14.42 -2.24 -17.43
C HYP B 6 14.03 -3.67 -17.07
O HYP B 6 13.82 -4.51 -17.91
CB HYP B 6 13.21 -1.32 -17.62
CG HYP B 6 13.67 -0.40 -18.76
CD HYP B 6 14.50 -1.32 -19.64
OD1 HYP B 6 14.48 0.65 -18.23
HA HYP B 6 14.95 -1.93 -16.67
HB2 HYP B 6 12.98 -0.81 -16.83
HB3 HYP B 6 12.40 -1.79 -17.86
HG HYP B 6 12.91 -0.02 -19.23
HD22 HYP B 6 13.92 -1.78 -20.27
HD23 HYP B 6 15.10 -0.80 -20.18
HD1 HYP B 6 13.99 1.07 -17.62
N GLY B 7 13.94 -3.92 -15.77
CA GLY B 7 13.46 -5.20 -15.28
C GLY B 7 11.97 -5.34 -15.49
N PRO B 8 11.41 -6.51 -15.14
CA PRO B 8 9.97 -6.74 -15.31
C PRO B 8 9.12 -5.96 -14.31
N HYP B 9 7.80 -6.01 -14.47
CA HYP B 9 6.89 -5.30 -13.57
C HYP B 9 7.03 -5.89 -12.16
O HYP B 9 7.32 -7.05 -11.98
CB HYP B 9 5.47 -5.43 -14.14
CG HYP B 9 5.72 -5.75 -15.61
CD HYP B 9 6.97 -6.61 -15.56
OD1 HYP B 9 5.97 -4.54 -16.33
HA HYP B 9 7.11 -4.36 -13.46
HB2 HYP B 9 4.94 -4.63 -14.03
HB3 HYP B 9 4.94 -6.12 -13.71
HG HYP B 9 4.97 -6.21 -16.00
HD22 HYP B 9 6.73 -7.53 -15.40
HD23 HYP B 9 7.40 -6.61 -16.43
HD1 HYP B 9 5.22 -4.07 -16.29
N GLY B 10 6.82 -5.03 -11.17
CA GLY B 10 6.91 -5.45 -9.78
C GLY B 10 5.74 -6.32 -9.35
N PRO B 11 5.83 -6.91 -8.17
CA PRO B 11 4.75 -7.78 -7.69
C PRO B 11 3.48 -7.01 -7.43
N LYS B 12 2.39 -7.76 -7.31
N LYS B 12 2.39 -7.75 -7.31
CA LYS B 12 1.07 -7.18 -7.10
CA LYS B 12 1.08 -7.15 -7.10
C LYS B 12 0.97 -6.55 -5.70
C LYS B 12 0.97 -6.56 -5.71
N GLY B 13 0.16 -5.50 -5.59
CA GLY B 13 -0.01 -4.81 -4.33
C GLY B 13 -0.97 -5.52 -3.40
N ASP B 14 -1.01 -5.02 -2.16
CA ASP B 14 -1.88 -5.58 -1.13
C ASP B 14 -3.34 -5.23 -1.36
N HYP B 15 -4.25 -6.01 -0.81
CA HYP B 15 -5.67 -5.67 -0.85
C HYP B 15 -5.86 -4.33 -0.15
O HYP B 15 -5.10 -3.96 0.72
CB HYP B 15 -6.48 -6.80 -0.20
CG HYP B 15 -5.50 -7.98 -0.25
CD HYP B 15 -4.15 -7.31 -0.05
OD1 HYP B 15 -5.57 -8.60 -1.53
HA HYP B 15 -6.01 -5.53 -1.75
HB2 HYP B 15 -7.30 -7.02 -0.66
HB3 HYP B 15 -6.75 -6.62 0.71
HG HYP B 15 -5.69 -8.62 0.46
HD22 HYP B 15 -3.97 -7.19 0.90
HD23 HYP B 15 -3.44 -7.89 -0.36
HD1 HYP B 15 -5.17 -8.06 -2.09
N GLY B 16 -6.89 -3.60 -0.55
CA GLY B 16 -7.18 -2.31 0.06
C GLY B 16 -7.80 -2.46 1.43
N PRO B 17 -8.03 -1.32 2.12
CA PRO B 17 -8.65 -1.35 3.44
C PRO B 17 -10.06 -1.92 3.42
N HYP B 18 -10.54 -2.42 4.56
CA HYP B 18 -11.94 -2.89 4.65
C HYP B 18 -12.87 -1.73 4.34
O HYP B 18 -12.56 -0.57 4.58
CB HYP B 18 -12.16 -3.45 6.07
CG HYP B 18 -10.75 -3.78 6.54
CD HYP B 18 -9.90 -2.69 5.88
OD1 HYP B 18 -10.37 -5.07 6.06
HA HYP B 18 -12.15 -3.56 4.01
HB2 HYP B 18 -12.72 -4.23 6.09
HB3 HYP B 18 -12.59 -2.83 6.68
HG HYP B 18 -10.68 -3.76 7.51
HD22 HYP B 18 -9.86 -1.92 6.46
HD23 HYP B 18 -8.99 -3.00 5.81
HD1 HYP B 18 -10.09 -4.96 5.23
N GLY B 19 -14.03 -2.04 3.79
CA GLY B 19 -15.02 -1.04 3.44
C GLY B 19 -15.73 -0.51 4.67
N PRO B 20 -16.63 0.49 4.47
CA PRO B 20 -17.37 1.07 5.59
C PRO B 20 -18.42 0.13 6.16
N HYP B 21 -18.82 0.35 7.40
CA HYP B 21 -19.94 -0.41 7.99
C HYP B 21 -21.17 -0.20 7.12
O HYP B 21 -21.38 0.85 6.57
CB HYP B 21 -20.13 0.06 9.45
CG HYP B 21 -18.77 0.65 9.79
CD HYP B 21 -18.33 1.28 8.48
OD1 HYP B 21 -17.87 -0.39 10.20
HA HYP B 21 -19.78 -1.37 8.00
HB2 HYP B 21 -20.37 -0.66 10.06
HB3 HYP B 21 -20.84 0.71 9.56
HG HYP B 21 -18.84 1.32 10.51
HD22 HYP B 21 -18.67 2.18 8.41
HD23 HYP B 21 -17.35 1.38 8.48
HD1 HYP B 21 -17.09 -0.01 10.31
N GLY B 22 -21.99 -1.24 7.02
CA GLY B 22 -23.20 -1.18 6.22
C GLY B 22 -24.25 -0.27 6.83
N PRO B 23 -25.39 -0.12 6.14
CA PRO B 23 -26.48 0.73 6.63
C PRO B 23 -27.14 0.17 7.89
N HYP B 24 -27.80 1.05 8.66
CA HYP B 24 -28.59 0.59 9.81
C HYP B 24 -29.83 -0.12 9.28
O HYP B 24 -30.34 0.21 8.23
CB HYP B 24 -28.92 1.82 10.69
CG HYP B 24 -28.12 2.93 10.04
CD HYP B 24 -28.05 2.50 8.58
OD1 HYP B 24 -26.81 3.00 10.59
HA HYP B 24 -28.13 -0.06 10.36
HB2 HYP B 24 -28.66 1.70 11.62
HB3 HYP B 24 -29.86 2.03 10.73
HG HYP B 24 -28.57 3.79 10.14
HD22 HYP B 24 -28.87 2.74 8.11
HD23 HYP B 24 -27.36 3.00 8.11
HD1 HYP B 24 -26.44 3.75 10.30
N GLY B 25 -30.31 -1.10 10.04
CA GLY B 25 -31.50 -1.85 9.66
C GLY B 25 -32.72 -0.98 10.01
N NH2 B 26 -33.76 -1.07 9.19
HN1 NH2 B 26 -34.50 -0.60 9.32
HN2 NH2 B 26 -33.73 -1.62 8.47
C ACE C 1 26.74 -3.79 -17.85
O ACE C 1 26.34 -4.82 -17.31
CH3 ACE C 1 27.54 -3.83 -19.11
H1 ACE C 1 28.35 -3.29 -19.08
H2 ACE C 1 27.06 -3.50 -19.89
H3 ACE C 1 27.84 -4.72 -19.36
N PRO C 2 26.47 -2.58 -17.31
CA PRO C 2 25.69 -2.45 -16.08
C PRO C 2 24.29 -3.01 -16.19
N HYP C 3 23.74 -3.49 -15.08
CA HYP C 3 22.34 -3.97 -15.07
C HYP C 3 21.42 -2.79 -15.36
O HYP C 3 21.71 -1.65 -15.04
CB HYP C 3 22.06 -4.63 -13.72
CG HYP C 3 23.45 -4.96 -13.21
CD HYP C 3 24.29 -3.81 -13.72
OD1 HYP C 3 23.89 -6.21 -13.76
HA HYP C 3 22.16 -4.60 -15.79
HB2 HYP C 3 21.51 -5.43 -13.78
HB3 HYP C 3 21.58 -4.07 -13.10
HG HYP C 3 23.46 -5.02 -12.23
HD22 HYP C 3 24.26 -3.08 -13.11
HD23 HYP C 3 25.23 -4.07 -13.74
HD1 HYP C 3 23.33 -6.82 -13.47
N GLY C 4 20.29 -3.08 -15.99
CA GLY C 4 19.31 -2.06 -16.31
C GLY C 4 18.58 -1.54 -15.09
N PRO C 5 17.73 -0.52 -15.28
CA PRO C 5 16.95 0.06 -14.17
C PRO C 5 15.92 -0.91 -13.62
N HYP C 6 15.47 -0.69 -12.38
CA HYP C 6 14.36 -1.47 -11.83
C HYP C 6 13.16 -1.30 -12.74
O HYP C 6 12.94 -0.25 -13.31
CB HYP C 6 14.11 -0.99 -10.39
CG HYP C 6 15.45 -0.40 -9.99
CD HYP C 6 15.96 0.21 -11.29
OD1 HYP C 6 16.33 -1.43 -9.54
HA HYP C 6 14.53 -2.43 -11.80
HB2 HYP C 6 13.86 -1.70 -9.77
HB3 HYP C 6 13.41 -0.34 -10.31
HG HYP C 6 15.35 0.27 -9.29
HD22 HYP C 6 15.65 1.13 -11.37
HD23 HYP C 6 16.93 0.29 -11.25
HD1 HYP C 6 17.03 -1.03 -9.16
N GLY C 7 12.37 -2.35 -12.87
CA GLY C 7 11.16 -2.30 -13.68
C GLY C 7 10.12 -1.38 -13.08
N PRO C 8 8.97 -1.23 -13.76
CA PRO C 8 7.90 -0.37 -13.28
C PRO C 8 7.20 -0.93 -12.06
N HYP C 9 6.47 -0.09 -11.32
CA HYP C 9 5.71 -0.55 -10.15
C HYP C 9 4.69 -1.57 -10.60
O HYP C 9 4.11 -1.46 -11.66
CB HYP C 9 5.09 0.68 -9.47
CG HYP C 9 5.93 1.83 -10.01
CD HYP C 9 6.24 1.39 -11.44
OD1 HYP C 9 7.13 1.95 -9.26
HA HYP C 9 6.26 -1.02 -9.51
HB2 HYP C 9 5.12 0.65 -8.50
HB3 HYP C 9 4.15 0.80 -9.67
HG HYP C 9 5.43 2.67 -9.99
HD22 HYP C 9 5.50 1.62 -12.02
HD23 HYP C 9 7.00 1.89 -11.78
HD1 HYP C 9 7.46 2.76 -9.43
N GLY C 10 4.47 -2.58 -9.77
CA GLY C 10 3.52 -3.63 -10.08
C GLY C 10 2.08 -3.15 -10.04
N PRO C 11 1.15 -4.02 -10.43
CA PRO C 11 -0.26 -3.62 -10.43
C PRO C 11 -0.78 -3.38 -9.02
N LYS C 12 -1.66 -2.39 -8.90
N LYS C 12 -1.68 -2.41 -8.91
CA LYS C 12 -2.29 -2.10 -7.63
CA LYS C 12 -2.29 -2.10 -7.63
C LYS C 12 -3.12 -3.29 -7.17
C LYS C 12 -3.16 -3.27 -7.17
N GLY C 13 -3.27 -3.41 -5.86
CA GLY C 13 -3.99 -4.54 -5.28
C GLY C 13 -5.50 -4.47 -5.52
N ASP C 14 -6.16 -5.52 -5.08
CA ASP C 14 -7.61 -5.63 -5.21
C ASP C 14 -8.32 -4.66 -4.26
N HYP C 15 -9.60 -4.40 -4.53
CA HYP C 15 -10.43 -3.66 -3.57
C HYP C 15 -10.43 -4.47 -2.28
O HYP C 15 -10.36 -5.68 -2.29
CB HYP C 15 -11.83 -3.47 -4.18
CG HYP C 15 -11.57 -3.64 -5.68
CD HYP C 15 -10.46 -4.68 -5.72
OD1 HYP C 15 -11.14 -2.41 -6.25
HA HYP C 15 -10.08 -2.79 -3.34
HB2 HYP C 15 -12.22 -2.61 -3.99
HB3 HYP C 15 -12.48 -4.10 -3.86
HG HYP C 15 -12.37 -3.95 -6.14
HD22 HYP C 15 -10.84 -5.57 -5.72
HD23 HYP C 15 -9.98 -4.62 -6.57
HD1 HYP C 15 -11.84 -1.88 -6.27
N GLY C 16 -10.51 -3.77 -1.16
CA GLY C 16 -10.45 -4.42 0.15
C GLY C 16 -11.70 -5.21 0.48
N PRO C 17 -11.67 -5.96 1.59
CA PRO C 17 -12.83 -6.75 2.03
C PRO C 17 -14.05 -5.88 2.28
N HYP C 18 -15.24 -6.49 2.25
CA HYP C 18 -16.47 -5.75 2.58
C HYP C 18 -16.37 -5.28 4.03
O HYP C 18 -15.75 -5.91 4.86
CB HYP C 18 -17.67 -6.67 2.31
CG HYP C 18 -17.09 -7.73 1.40
CD HYP C 18 -15.67 -7.88 1.89
OD1 HYP C 18 -17.11 -7.25 0.05
HA HYP C 18 -16.58 -4.93 2.06
HB2 HYP C 18 -18.42 -6.21 1.90
HB3 HYP C 18 -18.04 -7.06 3.12
HG HYP C 18 -17.59 -8.56 1.45
HD22 HYP C 18 -15.64 -8.50 2.63
HD23 HYP C 18 -15.12 -8.29 1.20
HD1 HYP C 18 -17.95 -7.13 -0.17
N GLY C 19 -17.00 -4.15 4.32
CA GLY C 19 -17.01 -3.62 5.66
C GLY C 19 -17.88 -4.43 6.58
N PRO C 20 -17.87 -4.10 7.89
CA PRO C 20 -18.73 -4.80 8.85
C PRO C 20 -20.21 -4.55 8.58
N HYP C 21 -21.07 -5.38 9.15
CA HYP C 21 -22.53 -5.14 9.09
C HYP C 21 -22.82 -3.79 9.72
O HYP C 21 -22.05 -3.28 10.51
CB HYP C 21 -23.24 -6.31 9.78
CG HYP C 21 -22.18 -7.41 9.81
CD HYP C 21 -20.87 -6.64 9.92
OD1 HYP C 21 -22.22 -8.16 8.60
HA HYP C 21 -22.85 -5.08 8.18
HB2 HYP C 21 -24.04 -6.61 9.32
HB3 HYP C 21 -23.54 -6.10 10.69
HG HYP C 21 -22.32 -8.00 10.56
HD22 HYP C 21 -20.67 -6.49 10.86
HD23 HYP C 21 -20.15 -7.18 9.59
HD1 HYP C 21 -23.03 -8.52 8.54
N GLY C 22 -23.97 -3.22 9.38
CA GLY C 22 -24.42 -2.00 9.99
C GLY C 22 -24.70 -2.20 11.47
N PRO C 23 -24.79 -1.11 12.24
CA PRO C 23 -24.95 -1.23 13.69
C PRO C 23 -26.30 -1.84 14.10
N HYP C 24 -26.35 -2.46 15.27
CA HYP C 24 -27.59 -3.06 15.77
C HYP C 24 -28.58 -1.96 16.16
O HYP C 24 -28.21 -0.93 16.67
CB HYP C 24 -27.25 -3.99 16.94
CG HYP C 24 -25.73 -4.03 16.93
CD HYP C 24 -25.35 -2.67 16.36
OD1 HYP C 24 -25.29 -5.08 16.05
HA HYP C 24 -28.05 -3.56 15.07
HB2 HYP C 24 -27.63 -4.88 16.86
HB3 HYP C 24 -27.58 -3.68 17.80
HG HYP C 24 -25.37 -4.18 17.81
HD22 HYP C 24 -25.39 -2.00 17.06
HD23 HYP C 24 -24.43 -2.68 16.06
HD1 HYP C 24 -25.15 -4.71 15.26
N GLY C 25 -29.86 -2.23 15.91
CA GLY C 25 -30.93 -1.31 16.30
C GLY C 25 -31.09 -1.46 17.83
N NH2 C 26 -31.91 -0.60 18.41
HN1 NH2 C 26 -32.06 -0.63 19.30
HN2 NH2 C 26 -32.35 0.02 17.94
C ACE D 1 -31.84 5.05 20.30
O ACE D 1 -31.42 3.91 20.26
CH3 ACE D 1 -32.68 5.55 21.44
H1 ACE D 1 -33.60 5.75 21.18
H2 ACE D 1 -32.74 4.92 22.17
H3 ACE D 1 -32.35 6.37 21.83
N PRO D 2 -31.57 5.92 19.30
CA PRO D 2 -30.76 5.52 18.15
C PRO D 2 -29.32 5.19 18.50
N HYP D 3 -28.70 4.33 17.69
CA HYP D 3 -27.30 3.92 17.95
C HYP D 3 -26.41 5.16 17.92
O HYP D 3 -26.71 6.15 17.30
CB HYP D 3 -26.92 2.88 16.88
CG HYP D 3 -28.23 2.57 16.19
CD HYP D 3 -28.99 3.89 16.30
OD1 HYP D 3 -28.92 1.53 16.88
HA HYP D 3 -27.18 3.55 18.83
HB2 HYP D 3 -26.52 2.07 17.26
HB3 HYP D 3 -26.25 3.20 16.25
HG HYP D 3 -28.09 2.32 15.26
HD22 HYP D 3 -28.70 4.51 15.62
HD23 HYP D 3 -29.94 3.75 16.13
HD1 HYP D 3 -28.80 0.79 16.40
N GLY D 4 -25.29 5.06 18.63
CA GLY D 4 -24.31 6.13 18.65
C GLY D 4 -23.65 6.27 17.29
N PRO D 5 -22.85 7.33 17.11
CA PRO D 5 -22.15 7.56 15.84
C PRO D 5 -20.99 6.59 15.64
N HYP D 6 -20.45 6.53 14.42
CA HYP D 6 -19.29 5.67 14.15
C HYP D 6 -18.14 6.10 15.05
O HYP D 6 -18.05 7.24 15.48
CB HYP D 6 -18.94 5.81 12.65
CG HYP D 6 -20.20 6.41 12.05
CD HYP D 6 -20.74 7.29 13.17
OD1 HYP D 6 -21.13 5.38 11.73
HA HYP D 6 -19.45 4.74 14.35
HB2 HYP D 6 -18.73 4.96 12.23
HB3 HYP D 6 -18.17 6.36 12.48
HG HYP D 6 -20.00 6.92 11.25
HD22 HYP D 6 -20.31 8.16 13.14
HD23 HYP D 6 -21.67 7.47 13.04
HD1 HYP D 6 -20.67 4.74 11.34
N GLY D 7 -17.27 5.15 15.36
CA GLY D 7 -16.11 5.42 16.18
C GLY D 7 -15.10 6.26 15.43
N PRO D 8 -13.98 6.60 16.11
CA PRO D 8 -12.92 7.40 15.48
C PRO D 8 -12.16 6.59 14.45
N HYP D 9 -11.43 7.25 13.55
CA HYP D 9 -10.61 6.55 12.56
C HYP D 9 -9.52 5.78 13.29
O HYP D 9 -9.12 6.12 14.39
CB HYP D 9 -10.06 7.59 11.56
CG HYP D 9 -10.95 8.80 11.79
CD HYP D 9 -11.25 8.71 13.29
OD1 HYP D 9 -12.14 8.67 11.03
HA HYP D 9 -11.11 5.88 12.06
HB2 HYP D 9 -10.10 7.30 10.64
HB3 HYP D 9 -9.12 7.80 11.71
HG HYP D 9 -10.49 9.62 11.56
HD22 HYP D 9 -10.52 9.12 13.80
HD23 HYP D 9 -12.03 9.26 13.50
HD1 HYP D 9 -12.68 9.33 11.29
N GLY D 10 -9.04 4.71 12.66
CA GLY D 10 -7.95 3.94 13.21
C GLY D 10 -6.64 4.70 13.10
N PRO D 11 -5.55 4.09 13.57
CA PRO D 11 -4.25 4.75 13.47
C PRO D 11 -3.76 4.81 12.03
N LYS D 12 -2.92 5.81 11.77
CA LYS D 12 -2.28 5.93 10.46
C LYS D 12 -1.47 4.67 10.16
N GLY D 13 -1.49 4.25 8.90
CA GLY D 13 -0.78 3.05 8.51
C GLY D 13 0.73 3.21 8.56
N ASP D 14 1.42 2.08 8.54
CA ASP D 14 2.87 2.07 8.56
C ASP D 14 3.42 2.69 7.27
N HYP D 15 4.66 3.16 7.31
CA HYP D 15 5.32 3.67 6.10
C HYP D 15 5.38 2.54 5.08
O HYP D 15 5.35 1.37 5.42
CB HYP D 15 6.70 4.21 6.49
CG HYP D 15 6.56 4.49 7.98
CD HYP D 15 5.62 3.38 8.44
OD1 HYP D 15 5.97 5.78 8.16
HA HYP D 15 4.82 4.37 5.66
HB2 HYP D 15 6.96 5.00 6.00
HB3 HYP D 15 7.43 3.59 6.31
HG HYP D 15 7.42 4.45 8.43
HD22 HYP D 15 6.14 2.60 8.68
HD23 HYP D 15 5.18 3.66 9.27
HD1 HYP D 15 5.10 5.68 7.98
N GLY D 16 5.47 2.91 3.81
CA GLY D 16 5.51 1.92 2.74
C GLY D 16 6.81 1.16 2.69
N PRO D 17 6.90 0.18 1.78
CA PRO D 17 8.16 -0.56 1.61
C PRO D 17 9.29 0.37 1.18
N HYP D 18 10.53 0.01 1.48
CA HYP D 18 11.68 0.79 0.99
C HYP D 18 11.62 0.79 -0.53
O HYP D 18 11.16 -0.15 -1.15
CB HYP D 18 12.97 0.17 1.56
CG HYP D 18 12.46 -0.60 2.77
CD HYP D 18 11.10 -1.11 2.30
OD1 HYP D 18 12.31 0.28 3.89
HA HYP D 18 11.65 1.72 1.24
HB2 HYP D 18 13.64 0.83 1.82
HB3 HYP D 18 13.43 -0.42 0.95
HG HYP D 18 13.06 -1.32 3.01
HD22 HYP D 18 11.21 -1.95 1.82
HD23 HYP D 18 10.56 -1.33 3.08
HD1 HYP D 18 13.13 0.51 4.14
N GLY D 19 12.11 1.87 -1.13
CA GLY D 19 12.11 1.99 -2.58
C GLY D 19 13.04 0.98 -3.22
N PRO D 20 13.08 0.97 -4.57
CA PRO D 20 13.93 0.03 -5.30
C PRO D 20 15.40 0.45 -5.28
N HYP D 21 16.30 -0.46 -5.63
CA HYP D 21 17.73 -0.14 -5.69
C HYP D 21 17.96 1.03 -6.64
O HYP D 21 17.25 1.23 -7.60
CB HYP D 21 18.49 -1.42 -6.10
CG HYP D 21 17.51 -2.53 -5.72
CD HYP D 21 16.15 -1.91 -6.00
OD1 HYP D 21 17.65 -2.84 -4.34
HA HYP D 21 18.06 0.17 -4.83
HB2 HYP D 21 19.33 -1.53 -5.64
HB3 HYP D 21 18.72 -1.44 -7.03
HG HYP D 21 17.67 -3.32 -6.25
HD22 HYP D 21 15.91 -2.05 -6.92
HD23 HYP D 21 15.47 -2.36 -5.49
HD1 HYP D 21 17.16 -3.57 -4.20
N GLY D 22 19.00 1.79 -6.35
CA GLY D 22 19.36 2.93 -7.18
C GLY D 22 20.01 2.52 -8.49
N PRO D 23 20.39 3.50 -9.31
CA PRO D 23 21.06 3.22 -10.59
C PRO D 23 22.46 2.66 -10.41
N HYP D 24 23.00 2.01 -11.44
CA HYP D 24 24.39 1.55 -11.39
C HYP D 24 25.31 2.76 -11.22
O HYP D 24 25.04 3.84 -11.71
CB HYP D 24 24.66 0.76 -12.69
CG HYP D 24 23.29 0.21 -13.04
CD HYP D 24 22.34 1.32 -12.61
OD1 HYP D 24 23.03 -0.98 -12.29
HA HYP D 24 24.59 0.98 -10.63
HB2 HYP D 24 25.30 0.05 -12.58
HB3 HYP D 24 25.02 1.30 -13.41
HG HYP D 24 23.21 0.02 -13.98
HD22 HYP D 24 22.18 1.91 -13.36
HD23 HYP D 24 21.48 0.94 -12.40
HD1 HYP D 24 22.16 -1.12 -12.33
N GLY D 25 26.41 2.54 -10.51
CA GLY D 25 27.37 3.60 -10.22
C GLY D 25 27.99 4.09 -11.55
N NH2 D 26 28.82 5.12 -11.46
HN1 NH2 D 26 28.99 5.50 -10.67
HN2 NH2 D 26 29.21 5.46 -12.19
C ACE E 1 -27.58 2.75 22.50
O ACE E 1 -26.60 3.09 23.15
CH3 ACE E 1 -28.89 3.47 22.61
H1 ACE E 1 -29.56 2.97 23.10
H2 ACE E 1 -29.29 3.68 21.76
H3 ACE E 1 -28.82 4.32 23.08
N PRO E 2 -27.52 1.70 21.65
CA PRO E 2 -26.28 0.93 21.48
C PRO E 2 -25.11 1.77 20.97
N HYP E 3 -23.90 1.25 21.12
CA HYP E 3 -22.72 1.94 20.58
C HYP E 3 -22.80 1.90 19.06
O HYP E 3 -23.37 0.99 18.48
CB HYP E 3 -21.46 1.24 21.13
CG HYP E 3 -22.00 0.43 22.30
CD HYP E 3 -23.40 0.03 21.83
OD1 HYP E 3 -22.09 1.26 23.47
HA HYP E 3 -22.68 2.87 20.82
HB2 HYP E 3 -20.77 1.86 21.43
HB3 HYP E 3 -21.01 0.66 20.49
HG HYP E 3 -21.45 -0.34 22.49
HD22 HYP E 3 -23.34 -0.75 21.26
HD23 HYP E 3 -23.94 -0.24 22.59
HD1 HYP E 3 -21.28 1.28 23.82
N GLY E 4 -22.23 2.90 18.43
CA GLY E 4 -22.19 2.96 16.98
C GLY E 4 -21.27 1.91 16.41
N PRO E 5 -21.17 1.85 15.07
CA PRO E 5 -20.27 0.88 14.43
C PRO E 5 -18.81 1.34 14.48
N HYP E 6 -17.89 0.44 14.14
CA HYP E 6 -16.45 0.78 14.14
C HYP E 6 -16.20 1.96 13.22
O HYP E 6 -16.87 2.16 12.23
CB HYP E 6 -15.68 -0.49 13.70
CG HYP E 6 -16.68 -1.60 13.95
CD HYP E 6 -18.01 -0.95 13.62
OD1 HYP E 6 -16.65 -1.99 15.33
HA HYP E 6 -16.14 1.07 15.01
HB2 HYP E 6 -14.86 -0.63 14.20
HB3 HYP E 6 -15.40 -0.47 12.78
HG HYP E 6 -16.50 -2.38 13.39
HD22 HYP E 6 -18.18 -0.99 12.66
HD23 HYP E 6 -18.74 -1.46 14.01
HD1 HYP E 6 -15.95 -2.52 15.42
N GLY E 7 -15.22 2.77 13.60
CA GLY E 7 -14.83 3.91 12.79
C GLY E 7 -14.13 3.48 11.51
N PRO E 8 -13.85 4.44 10.61
CA PRO E 8 -13.21 4.11 9.34
C PRO E 8 -11.77 3.65 9.50
N HYP E 9 -11.23 3.00 8.46
CA HYP E 9 -9.79 2.67 8.45
C HYP E 9 -9.02 3.98 8.58
O HYP E 9 -9.44 5.01 8.11
CB HYP E 9 -9.50 1.91 7.14
CG HYP E 9 -10.85 1.30 6.78
CD HYP E 9 -11.84 2.36 7.26
OD1 HYP E 9 -11.04 0.09 7.50
HA HYP E 9 -9.51 2.12 9.19
HB2 HYP E 9 -8.83 1.23 7.23
HB3 HYP E 9 -9.17 2.48 6.42
HG HYP E 9 -10.92 1.15 5.83
HD22 HYP E 9 -12.01 2.98 6.53
HD23 HYP E 9 -12.69 1.95 7.43
HD1 HYP E 9 -11.63 -0.39 7.04
N GLY E 10 -7.88 3.90 9.26
CA GLY E 10 -7.07 5.08 9.52
C GLY E 10 -6.44 5.67 8.28
N PRO E 11 -5.72 6.78 8.45
CA PRO E 11 -5.04 7.40 7.30
C PRO E 11 -4.01 6.45 6.70
N LYS E 12 -3.75 6.65 5.40
CA LYS E 12 -2.71 5.88 4.73
C LYS E 12 -1.33 6.28 5.25
N GLY E 13 -0.45 5.29 5.34
CA GLY E 13 0.89 5.53 5.84
C GLY E 13 1.75 6.32 4.86
N ASP E 14 2.85 6.84 5.39
CA ASP E 14 3.83 7.59 4.60
C ASP E 14 4.43 6.71 3.50
N HYP E 15 4.93 7.35 2.45
CA HYP E 15 5.74 6.61 1.46
C HYP E 15 6.91 6.00 2.21
O HYP E 15 7.34 6.49 3.24
CB HYP E 15 6.17 7.58 0.34
CG HYP E 15 5.29 8.80 0.58
CD HYP E 15 5.07 8.78 2.08
OD1 HYP E 15 4.06 8.66 -0.12
HA HYP E 15 5.27 5.87 1.05
HB2 HYP E 15 6.04 7.22 -0.55
HB3 HYP E 15 7.11 7.81 0.37
HG HYP E 15 5.74 9.61 0.29
HD22 HYP E 15 5.80 9.23 2.53
HD23 HYP E 15 4.28 9.30 2.30
HD1 HYP E 15 3.75 7.85 0.07
N GLY E 16 7.45 4.91 1.67
CA GLY E 16 8.60 4.28 2.26
C GLY E 16 9.85 5.13 2.12
N PRO E 17 10.95 4.73 2.77
CA PRO E 17 12.21 5.47 2.66
C PRO E 17 12.98 5.10 1.41
N HYP E 18 14.10 5.77 1.16
CA HYP E 18 14.93 5.49 -0.02
C HYP E 18 15.33 4.03 -0.07
O HYP E 18 15.55 3.38 0.94
CB HYP E 18 16.15 6.43 0.04
CG HYP E 18 15.61 7.61 0.84
CD HYP E 18 14.70 6.95 1.86
OD1 HYP E 18 14.87 8.48 -0.02
HA HYP E 18 14.44 5.63 -0.85
HB2 HYP E 18 16.46 6.71 -0.83
HB3 HYP E 18 16.92 6.05 0.46
HG HYP E 18 16.33 8.11 1.27
HD22 HYP E 18 15.21 6.72 2.65
HD23 HYP E 18 14.04 7.59 2.17
HD1 HYP E 18 15.43 8.73 -0.65
N GLY E 19 15.42 3.50 -1.29
CA GLY E 19 15.89 2.15 -1.49
C GLY E 19 17.39 2.07 -1.27
N PRO E 20 17.93 0.84 -1.28
CA PRO E 20 19.38 0.67 -1.09
C PRO E 20 20.19 1.21 -2.26
N HYP E 21 21.50 1.32 -2.07
CA HYP E 21 22.40 1.78 -3.15
C HYP E 21 22.26 0.87 -4.36
O HYP E 21 21.94 -0.28 -4.25
CB HYP E 21 23.83 1.80 -2.58
CG HYP E 21 23.61 1.77 -1.08
CD HYP E 21 22.36 0.92 -0.92
OD1 HYP E 21 23.38 3.10 -0.59
HA HYP E 21 22.15 2.66 -3.47
HB2 HYP E 21 24.34 2.59 -2.85
HB3 HYP E 21 24.38 1.06 -2.87
HG HYP E 21 24.38 1.39 -0.61
HD22 HYP E 21 22.60 -0.02 -0.92
HD23 HYP E 21 21.95 1.08 -0.06
HD1 HYP E 21 23.21 3.02 0.27
N GLY E 22 22.52 1.44 -5.53
CA GLY E 22 22.53 0.66 -6.75
C GLY E 22 23.81 -0.16 -6.84
N PRO E 23 23.90 -1.05 -7.84
CA PRO E 23 25.09 -1.88 -8.01
C PRO E 23 26.33 -1.06 -8.37
N HYP E 24 27.51 -1.67 -8.21
CA HYP E 24 28.77 -0.99 -8.57
C HYP E 24 28.78 -0.67 -10.06
O HYP E 24 28.15 -1.31 -10.87
CB HYP E 24 29.94 -1.91 -8.17
CG HYP E 24 29.29 -2.90 -7.21
CD HYP E 24 27.88 -3.04 -7.76
OD1 HYP E 24 29.27 -2.35 -5.89
HA HYP E 24 28.86 -0.14 -8.13
HB2 HYP E 24 30.67 -1.44 -7.75
HB3 HYP E 24 30.35 -2.37 -8.92
HG HYP E 24 29.77 -3.74 -7.21
HD22 HYP E 24 27.87 -3.70 -8.46
HD23 HYP E 24 27.30 -3.39 -7.08
HD1 HYP E 24 28.57 -2.70 -5.49
N GLY E 25 29.52 0.38 -10.40
CA GLY E 25 29.75 0.73 -11.81
C GLY E 25 30.88 -0.21 -12.29
N NH2 E 26 31.27 -0.06 -13.53
HN1 NH2 E 26 31.92 -0.58 -13.88
HN2 NH2 E 26 30.89 0.55 -14.08
C ACE F 1 -24.05 7.09 21.85
O ACE F 1 -23.69 8.05 21.20
CH3 ACE F 1 -25.50 6.72 21.97
H1 ACE F 1 -25.85 6.84 22.86
H2 ACE F 1 -26.07 7.23 21.39
H3 ACE F 1 -25.67 5.79 21.76
N PRO F 2 -23.15 6.32 22.50
CA PRO F 2 -21.72 6.62 22.44
C PRO F 2 -21.05 6.19 21.14
N HYP F 3 -19.92 6.80 20.82
CA HYP F 3 -19.17 6.45 19.60
C HYP F 3 -18.82 4.98 19.63
O HYP F 3 -18.58 4.38 20.66
CB HYP F 3 -17.93 7.35 19.52
CG HYP F 3 -18.32 8.55 20.39
CD HYP F 3 -19.17 7.92 21.49
OD1 HYP F 3 -19.09 9.46 19.62
HA HYP F 3 -19.70 6.56 18.81
HB2 HYP F 3 -17.70 7.63 18.63
HB3 HYP F 3 -17.12 6.93 19.86
HG HYP F 3 -17.53 8.99 20.74
HD22 HYP F 3 -18.59 7.62 22.21
HD23 HYP F 3 -19.73 8.59 21.88
HD1 HYP F 3 -18.57 9.74 18.96
N GLY F 4 -18.78 4.38 18.44
CA GLY F 4 -18.37 3.00 18.29
C GLY F 4 -16.88 2.84 18.46
N PRO F 5 -16.38 1.60 18.35
CA PRO F 5 -14.94 1.33 18.52
C PRO F 5 -14.08 2.04 17.47
N HYP F 6 -12.80 2.20 17.76
CA HYP F 6 -11.86 2.78 16.79
C HYP F 6 -11.82 1.89 15.56
O HYP F 6 -12.01 0.69 15.64
CB HYP F 6 -10.49 2.93 17.47
CG HYP F 6 -10.77 2.57 18.92
CD HYP F 6 -11.94 1.61 18.82
OD1 HYP F 6 -11.15 3.74 19.65
HA HYP F 6 -12.16 3.65 16.46
HB2 HYP F 6 -10.12 3.83 17.40
HB3 HYP F 6 -9.81 2.36 17.10
HG HYP F 6 -10.01 2.17 19.34
HD22 HYP F 6 -11.63 0.71 18.61
HD23 HYP F 6 -12.38 1.53 19.68
HD1 HYP F 6 -11.37 3.48 20.47
N GLY F 7 -11.58 2.49 14.40
CA GLY F 7 -11.47 1.76 13.17
C GLY F 7 -10.13 1.06 13.01
N PRO F 8 -10.01 0.20 11.99
CA PRO F 8 -8.75 -0.53 11.76
C PRO F 8 -7.59 0.40 11.40
N HYP F 9 -6.36 -0.07 11.61
CA HYP F 9 -5.18 0.70 11.18
C HYP F 9 -5.30 0.96 9.69
O HYP F 9 -5.83 0.16 8.94
CB HYP F 9 -3.92 -0.11 11.56
CG HYP F 9 -4.45 -1.14 12.55
CD HYP F 9 -5.87 -1.41 12.03
OD1 HYP F 9 -4.50 -0.58 13.86
HA HYP F 9 -5.11 1.57 11.60
HB2 HYP F 9 -3.22 0.43 11.96
HB3 HYP F 9 -3.49 -0.54 10.81
HG HYP F 9 -3.90 -1.94 12.55
HD22 HYP F 9 -5.83 -2.06 11.32
HD23 HYP F 9 -6.39 -1.82 12.73
HD1 HYP F 9 -5.00 -1.11 14.35
N GLY F 10 -4.80 2.12 9.27
CA GLY F 10 -4.90 2.52 7.88
C GLY F 10 -4.03 1.68 6.96
N PRO F 11 -4.20 1.85 5.65
CA PRO F 11 -3.41 1.06 4.70
C PRO F 11 -1.93 1.46 4.74
N LYS F 12 -1.11 0.50 4.32
N LYS F 12 -1.11 0.50 4.32
CA LYS F 12 0.33 0.75 4.24
CA LYS F 12 0.33 0.76 4.24
C LYS F 12 0.64 1.81 3.19
C LYS F 12 0.62 1.84 3.20
N GLY F 13 1.71 2.56 3.43
CA GLY F 13 2.16 3.53 2.46
C GLY F 13 2.71 2.86 1.21
N ASP F 14 2.94 3.67 0.19
CA ASP F 14 3.46 3.16 -1.07
C ASP F 14 4.98 3.08 -1.02
N HYP F 15 5.58 2.36 -1.96
CA HYP F 15 7.04 2.17 -1.99
C HYP F 15 7.74 3.52 -2.05
O HYP F 15 7.29 4.46 -2.64
CB HYP F 15 7.38 1.27 -3.19
CG HYP F 15 6.08 0.52 -3.42
CD HYP F 15 5.01 1.56 -3.11
OD1 HYP F 15 5.99 -0.59 -2.52
HA HYP F 15 7.37 1.77 -1.17
HB2 HYP F 15 8.11 0.67 -3.03
HB3 HYP F 15 7.64 1.77 -3.98
HG HYP F 15 6.01 0.19 -4.33
HD22 HYP F 15 4.82 2.08 -3.90
HD23 HYP F 15 4.18 1.12 -2.89
HD1 HYP F 15 6.82 -0.84 -2.34
N GLY F 16 8.90 3.57 -1.39
CA GLY F 16 9.70 4.77 -1.37
C GLY F 16 10.41 5.03 -2.68
N PRO F 17 11.22 6.09 -2.75
CA PRO F 17 11.95 6.45 -3.97
C PRO F 17 13.16 5.56 -4.19
N HYP F 18 13.67 5.55 -5.42
CA HYP F 18 14.89 4.76 -5.73
C HYP F 18 16.03 5.23 -4.83
O HYP F 18 16.12 6.38 -4.46
CB HYP F 18 15.20 4.94 -7.23
CG HYP F 18 13.94 5.59 -7.77
CD HYP F 18 13.42 6.41 -6.60
OD1 HYP F 18 12.99 4.58 -8.15
HA HYP F 18 14.78 3.82 -5.53
HB2 HYP F 18 15.39 4.11 -7.69
HB3 HYP F 18 15.97 5.49 -7.40
HG HYP F 18 14.13 6.14 -8.55
HD22 HYP F 18 13.89 7.26 -6.57
HD23 HYP F 18 12.49 6.63 -6.73
HD1 HYP F 18 12.21 4.99 -8.26
N GLY F 19 16.90 4.29 -4.49
CA GLY F 19 18.05 4.58 -3.66
C GLY F 19 19.11 5.39 -4.40
N PRO F 20 20.22 5.70 -3.73
CA PRO F 20 21.28 6.49 -4.35
C PRO F 20 22.06 5.69 -5.41
N HYP F 21 22.75 6.39 -6.30
CA HYP F 21 23.56 5.72 -7.33
C HYP F 21 24.56 4.79 -6.65
O HYP F 21 25.06 5.06 -5.58
CB HYP F 21 24.24 6.81 -8.18
CG HYP F 21 23.34 8.02 -7.96
CD HYP F 21 22.93 7.87 -6.51
OD1 HYP F 21 22.20 7.93 -8.81
HA HYP F 21 23.04 5.15 -7.91
HB2 HYP F 21 24.29 6.58 -9.12
HB3 HYP F 21 25.15 7.00 -7.92
HG HYP F 21 23.82 8.85 -8.13
HD22 HYP F 21 23.59 8.27 -5.93
HD23 HYP F 21 22.11 8.38 -6.34
HD1 HYP F 21 22.48 8.15 -9.63
N GLY F 22 24.82 3.67 -7.30
CA GLY F 22 25.74 2.69 -6.78
C GLY F 22 27.15 3.24 -6.66
N PRO F 23 28.05 2.48 -6.01
CA PRO F 23 29.45 2.92 -5.88
C PRO F 23 30.16 2.97 -7.23
N HYP F 24 31.27 3.72 -7.29
CA HYP F 24 32.02 3.89 -8.55
C HYP F 24 32.34 2.56 -9.20
O HYP F 24 32.08 2.35 -10.37
CB HYP F 24 33.27 4.71 -8.21
CG HYP F 24 32.81 5.55 -7.03
CD HYP F 24 31.91 4.59 -6.26
OD1 HYP F 24 32.06 6.68 -7.49
HA HYP F 24 31.48 4.34 -9.22
HB2 HYP F 24 33.58 5.27 -8.93
HB3 HYP F 24 34.04 4.17 -7.98
HG HYP F 24 33.57 5.85 -6.49
HD22 HYP F 24 32.43 4.10 -5.61
HD23 HYP F 24 31.27 5.10 -5.73
HD1 HYP F 24 31.27 6.37 -7.71
N GLY F 25 32.94 1.65 -8.42
CA GLY F 25 33.26 0.32 -8.91
C GLY F 25 34.20 0.44 -10.14
N NH2 F 26 33.88 -0.31 -11.18
HN1 NH2 F 26 33.17 -0.85 -11.17
HN2 NH2 F 26 34.38 -0.28 -11.93
#